data_6HG6
#
_entry.id   6HG6
#
_cell.length_a   109.165
_cell.length_b   109.165
_cell.length_c   72.157
_cell.angle_alpha   90.00
_cell.angle_beta   90.00
_cell.angle_gamma   90.00
#
_symmetry.space_group_name_H-M   'I 4'
#
loop_
_entity.id
_entity.type
_entity.pdbx_description
1 polymer 'L-glyceraldehyde 3-phosphate reductase'
2 non-polymer 'NADPH DIHYDRO-NICOTINAMIDE-ADENINE-DINUCLEOTIDE PHOSPHATE'
3 non-polymer 1,2-ETHANEDIOL
4 water water
#
_entity_poly.entity_id   1
_entity_poly.type   'polypeptide(L)'
_entity_poly.pdbx_seq_one_letter_code
;MKYQASKNRYNEMKYSKCGESGLKLPMISFGLWHNFGSNADYNNMKELCFTAFDNGITHFDLANNYGPVPGSAEENFGRI
LRDDLATYRDELLISTKAGYKMWEGPYGDFGSRKYILASLDQSLKRMGLEYVDIFYHHRMDPDTPLEESMMALDTAVKSG
KALYAGISNYNGETMEKAAAILNELKCPFVINQNRYSIFDRTIENNGLKRAAKENGKGIIAFSPLAQGTLTDKYLSGIPD
DSRIKVDGRFLKQDILTEKKLEQIRRLNNIALNRGQTLAQMALSWVLKDSEVTSVLIGASKPSQIIENVGIVHKIGFTDE
ELMMIDEISAN
;
_entity_poly.pdbx_strand_id   A
#
loop_
_chem_comp.id
_chem_comp.type
_chem_comp.name
_chem_comp.formula
EDO non-polymer 1,2-ETHANEDIOL 'C2 H6 O2'
NDP non-polymer 'NADPH DIHYDRO-NICOTINAMIDE-ADENINE-DINUCLEOTIDE PHOSPHATE' 'C21 H30 N7 O17 P3'
#
# COMPACT_ATOMS: atom_id res chain seq x y z
N LYS A 2 -10.49 14.28 22.28
CA LYS A 2 -9.17 14.89 22.67
C LYS A 2 -8.32 15.10 21.41
N TYR A 3 -8.18 14.07 20.56
CA TYR A 3 -7.43 14.23 19.29
C TYR A 3 -8.21 15.15 18.37
N GLN A 4 -7.57 16.17 17.85
CA GLN A 4 -8.17 17.09 16.84
C GLN A 4 -7.14 17.19 15.73
N ALA A 5 -7.54 16.78 14.55
CA ALA A 5 -6.65 16.72 13.39
C ALA A 5 -6.12 18.12 13.16
N SER A 6 -4.85 18.20 12.79
CA SER A 6 -4.17 19.46 12.49
C SER A 6 -4.95 20.22 11.41
N LYS A 7 -5.19 21.51 11.62
CA LYS A 7 -5.83 22.38 10.61
C LYS A 7 -4.90 22.53 9.38
N ASN A 8 -3.62 22.25 9.52
CA ASN A 8 -2.63 22.39 8.40
C ASN A 8 -2.44 21.07 7.65
N ARG A 9 -3.24 20.03 7.93
CA ARG A 9 -2.93 18.69 7.40
C ARG A 9 -3.01 18.60 5.87
N TYR A 10 -3.67 19.53 5.16
CA TYR A 10 -3.72 19.45 3.68
C TYR A 10 -2.78 20.47 3.05
N ASN A 11 -1.93 21.13 3.82
CA ASN A 11 -1.09 22.23 3.28
C ASN A 11 0.12 21.75 2.47
N GLU A 12 0.64 20.54 2.71
CA GLU A 12 1.93 20.13 2.09
C GLU A 12 1.81 18.85 1.28
N MET A 13 1.07 17.88 1.77
CA MET A 13 1.00 16.57 1.09
C MET A 13 0.48 16.79 -0.34
N LYS A 14 0.95 16.03 -1.30
CA LYS A 14 0.38 16.02 -2.67
C LYS A 14 -0.51 14.78 -2.83
N TYR A 15 -1.54 14.89 -3.65
CA TYR A 15 -2.57 13.85 -3.88
C TYR A 15 -2.59 13.54 -5.38
N SER A 16 -2.64 12.26 -5.73
CA SER A 16 -2.52 11.81 -7.13
C SER A 16 -3.70 10.94 -7.48
N LYS A 17 -4.22 11.15 -8.69
CA LYS A 17 -5.29 10.29 -9.21
C LYS A 17 -4.79 8.85 -9.34
N CYS A 18 -5.66 7.95 -9.01
CA CYS A 18 -5.50 6.49 -9.18
C CYS A 18 -5.69 6.16 -10.65
N GLY A 19 -4.63 6.32 -11.45
CA GLY A 19 -4.76 6.20 -12.91
C GLY A 19 -5.78 7.23 -13.41
N GLU A 20 -6.81 6.80 -14.12
CA GLU A 20 -7.79 7.72 -14.76
C GLU A 20 -8.85 8.20 -13.73
N SER A 21 -8.97 7.55 -12.61
CA SER A 21 -10.02 7.80 -11.59
C SER A 21 -9.92 9.17 -10.92
N GLY A 22 -11.06 9.66 -10.43
CA GLY A 22 -11.11 10.87 -9.60
C GLY A 22 -10.71 10.56 -8.16
N LEU A 23 -10.50 9.28 -7.83
CA LEU A 23 -10.03 8.89 -6.49
C LEU A 23 -8.55 9.27 -6.39
N LYS A 24 -8.20 10.09 -5.42
CA LYS A 24 -6.80 10.49 -5.25
C LYS A 24 -6.23 9.88 -3.99
N LEU A 25 -5.00 9.37 -4.11
CA LEU A 25 -4.27 8.87 -2.96
C LEU A 25 -3.26 9.96 -2.57
N PRO A 26 -2.89 10.07 -1.28
CA PRO A 26 -1.74 10.88 -0.90
C PRO A 26 -0.52 10.20 -1.55
N MET A 27 0.51 10.96 -1.89
CA MET A 27 1.70 10.36 -2.53
C MET A 27 2.40 9.44 -1.53
N ILE A 28 2.20 9.67 -0.24
CA ILE A 28 2.62 8.75 0.86
C ILE A 28 1.35 8.20 1.51
N SER A 29 1.19 6.88 1.51
CA SER A 29 0.12 6.14 2.20
C SER A 29 0.75 5.42 3.39
N PHE A 30 -0.09 5.10 4.39
CA PHE A 30 0.39 4.48 5.63
C PHE A 30 -0.17 3.07 5.73
N GLY A 31 0.72 2.10 5.93
CA GLY A 31 0.32 0.69 6.03
C GLY A 31 0.43 0.16 7.43
N LEU A 32 -0.45 -0.78 7.80
CA LEU A 32 -0.49 -1.34 9.17
C LEU A 32 0.03 -2.78 9.19
N TRP A 33 0.79 -3.19 8.17
CA TRP A 33 1.39 -4.55 8.09
C TRP A 33 2.17 -4.87 9.36
N HIS A 34 2.98 -3.92 9.84
CA HIS A 34 3.72 -4.09 11.11
C HIS A 34 3.40 -2.98 12.10
N ASN A 35 3.53 -3.33 13.38
CA ASN A 35 3.48 -2.46 14.59
C ASN A 35 2.04 -2.15 15.00
N PHE A 36 1.03 -2.90 14.50
CA PHE A 36 -0.39 -2.71 14.90
C PHE A 36 -1.01 -4.01 15.40
N GLY A 37 -0.18 -4.96 15.76
CA GLY A 37 -0.62 -6.30 16.16
C GLY A 37 -0.92 -6.43 17.64
N SER A 38 -1.13 -7.67 18.04
CA SER A 38 -1.54 -8.03 19.41
C SER A 38 -0.56 -7.50 20.45
N ASN A 39 0.73 -7.48 20.11
CA ASN A 39 1.85 -7.11 21.03
C ASN A 39 2.16 -5.62 20.96
N ALA A 40 1.51 -4.86 20.09
CA ALA A 40 1.76 -3.41 19.89
C ALA A 40 1.17 -2.59 21.05
N ASP A 41 1.79 -1.47 21.35
CA ASP A 41 1.33 -0.53 22.38
C ASP A 41 0.23 0.33 21.76
N TYR A 42 -0.93 0.40 22.40
CA TYR A 42 -2.11 1.12 21.86
C TYR A 42 -1.83 2.64 21.72
N ASN A 43 -1.25 3.27 22.72
CA ASN A 43 -0.91 4.72 22.65
C ASN A 43 0.06 4.99 21.48
N ASN A 44 1.02 4.10 21.19
CA ASN A 44 1.94 4.29 20.04
C ASN A 44 1.15 4.15 18.73
N MET A 45 0.26 3.17 18.60
CA MET A 45 -0.50 2.98 17.34
C MET A 45 -1.34 4.22 17.08
N LYS A 46 -2.03 4.73 18.09
CA LYS A 46 -2.84 5.97 17.95
C LYS A 46 -1.96 7.10 17.48
N GLU A 47 -0.81 7.32 18.12
CA GLU A 47 0.09 8.42 17.78
C GLU A 47 0.58 8.26 16.35
N LEU A 48 0.80 7.04 15.89
CA LEU A 48 1.28 6.84 14.50
C LEU A 48 0.17 7.27 13.53
N CYS A 49 -1.05 6.87 13.80
CA CYS A 49 -2.20 7.22 12.93
C CYS A 49 -2.43 8.73 12.94
N PHE A 50 -2.44 9.34 14.11
CA PHE A 50 -2.65 10.79 14.29
C PHE A 50 -1.54 11.53 13.55
N THR A 51 -0.29 11.09 13.71
CA THR A 51 0.85 11.73 13.02
C THR A 51 0.64 11.64 11.51
N ALA A 52 0.23 10.48 11.00
CA ALA A 52 0.03 10.25 9.56
C ALA A 52 -1.02 11.25 9.04
N PHE A 53 -2.18 11.27 9.68
CA PHE A 53 -3.31 12.13 9.23
C PHE A 53 -2.94 13.59 9.37
N ASP A 54 -2.26 13.99 10.46
CA ASP A 54 -1.88 15.40 10.68
C ASP A 54 -0.96 15.90 9.56
N ASN A 55 -0.25 14.98 8.89
CA ASN A 55 0.72 15.29 7.80
C ASN A 55 0.10 15.03 6.43
N GLY A 56 -1.22 14.84 6.38
CA GLY A 56 -1.98 14.71 5.12
C GLY A 56 -2.05 13.33 4.56
N ILE A 57 -1.58 12.31 5.30
CA ILE A 57 -1.75 10.91 4.87
C ILE A 57 -3.20 10.52 5.14
N THR A 58 -3.98 10.37 4.07
CA THR A 58 -5.43 10.11 4.18
C THR A 58 -5.72 8.63 3.94
N HIS A 59 -4.73 7.87 3.56
CA HIS A 59 -4.94 6.45 3.17
C HIS A 59 -4.24 5.54 4.16
N PHE A 60 -5.03 4.71 4.81
CA PHE A 60 -4.61 3.65 5.74
C PHE A 60 -4.87 2.32 5.08
N ASP A 61 -3.81 1.53 4.93
CA ASP A 61 -3.87 0.23 4.21
C ASP A 61 -3.79 -0.90 5.22
N LEU A 62 -4.79 -1.76 5.19
CA LEU A 62 -4.86 -2.97 6.00
C LEU A 62 -5.07 -4.18 5.11
N ALA A 63 -5.05 -5.33 5.74
CA ALA A 63 -5.39 -6.63 5.16
C ALA A 63 -5.96 -7.43 6.31
N ASN A 64 -6.73 -8.42 5.95
CA ASN A 64 -7.34 -9.30 6.97
C ASN A 64 -6.25 -9.83 7.92
N ASN A 65 -5.14 -10.29 7.40
CA ASN A 65 -4.17 -11.09 8.17
C ASN A 65 -3.06 -10.24 8.79
N TYR A 66 -3.14 -8.91 8.74
CA TYR A 66 -2.12 -8.06 9.39
C TYR A 66 -2.21 -8.19 10.91
N GLY A 67 -1.03 -8.27 11.53
CA GLY A 67 -0.85 -8.39 12.98
C GLY A 67 0.66 -8.44 13.26
N PRO A 68 1.21 -9.53 13.80
CA PRO A 68 0.44 -10.69 14.15
C PRO A 68 -0.48 -10.53 15.34
N VAL A 69 -1.03 -11.72 15.20
CA VAL A 69 -2.26 -12.47 15.22
C VAL A 69 -3.03 -11.87 14.06
N PRO A 70 -3.31 -12.69 13.02
CA PRO A 70 -4.17 -12.25 11.92
C PRO A 70 -5.44 -11.61 12.47
N GLY A 71 -5.79 -10.43 11.95
CA GLY A 71 -6.96 -9.66 12.37
C GLY A 71 -6.69 -8.61 13.43
N SER A 72 -5.57 -8.69 14.15
CA SER A 72 -5.29 -7.77 15.26
C SER A 72 -5.12 -6.34 14.75
N ALA A 73 -4.47 -6.13 13.62
CA ALA A 73 -4.28 -4.77 13.09
C ALA A 73 -5.66 -4.15 12.80
N GLU A 74 -6.53 -4.89 12.16
CA GLU A 74 -7.92 -4.43 11.84
C GLU A 74 -8.66 -4.09 13.14
N GLU A 75 -8.60 -4.94 14.16
N GLU A 75 -8.60 -4.97 14.14
CA GLU A 75 -9.28 -4.70 15.45
CA GLU A 75 -9.25 -4.74 15.45
C GLU A 75 -8.69 -3.45 16.11
C GLU A 75 -8.71 -3.46 16.07
N ASN A 76 -7.38 -3.32 16.14
CA ASN A 76 -6.73 -2.13 16.70
C ASN A 76 -7.17 -0.86 15.95
N PHE A 77 -7.15 -0.89 14.63
CA PHE A 77 -7.56 0.27 13.81
C PHE A 77 -9.04 0.56 14.08
N GLY A 78 -9.83 -0.51 14.29
CA GLY A 78 -11.25 -0.35 14.62
C GLY A 78 -11.40 0.45 15.91
N ARG A 79 -10.58 0.17 16.90
CA ARG A 79 -10.60 0.89 18.18
C ARG A 79 -10.15 2.34 17.97
N ILE A 80 -9.15 2.57 17.15
CA ILE A 80 -8.67 3.95 16.92
C ILE A 80 -9.80 4.74 16.23
N LEU A 81 -10.50 4.11 15.30
CA LEU A 81 -11.66 4.73 14.61
C LEU A 81 -12.73 5.06 15.63
N ARG A 82 -13.12 4.09 16.44
CA ARG A 82 -14.20 4.28 17.43
C ARG A 82 -13.82 5.41 18.39
N ASP A 83 -12.57 5.45 18.86
CA ASP A 83 -12.18 6.36 19.94
C ASP A 83 -11.89 7.78 19.42
N ASP A 84 -11.39 7.92 18.20
CA ASP A 84 -10.87 9.24 17.77
C ASP A 84 -11.04 9.51 16.28
N LEU A 85 -10.82 8.54 15.40
CA LEU A 85 -10.73 8.87 13.95
C LEU A 85 -12.06 8.75 13.22
N ALA A 86 -13.09 8.10 13.80
CA ALA A 86 -14.40 7.92 13.12
C ALA A 86 -14.94 9.29 12.68
N THR A 87 -14.67 10.34 13.45
CA THR A 87 -15.03 11.74 13.17
C THR A 87 -14.59 12.11 11.74
N TYR A 88 -13.47 11.59 11.31
CA TYR A 88 -12.80 11.92 10.03
C TYR A 88 -12.98 10.83 9.01
N ARG A 89 -13.91 9.90 9.21
CA ARG A 89 -13.94 8.71 8.33
C ARG A 89 -14.15 9.11 6.86
N ASP A 90 -14.89 10.18 6.60
CA ASP A 90 -15.15 10.54 5.18
C ASP A 90 -13.93 11.26 4.56
N GLU A 91 -12.93 11.57 5.36
CA GLU A 91 -11.66 12.11 4.88
C GLU A 91 -10.63 10.99 4.73
N LEU A 92 -10.99 9.74 5.04
CA LEU A 92 -9.98 8.66 5.01
C LEU A 92 -10.30 7.66 3.91
N LEU A 93 -9.28 7.08 3.32
CA LEU A 93 -9.45 5.90 2.47
C LEU A 93 -8.89 4.73 3.26
N ILE A 94 -9.75 3.77 3.54
CA ILE A 94 -9.39 2.57 4.28
C ILE A 94 -9.51 1.39 3.35
N SER A 95 -8.47 0.58 3.28
CA SER A 95 -8.51 -0.63 2.46
C SER A 95 -8.47 -1.87 3.35
N THR A 96 -8.94 -2.98 2.79
CA THR A 96 -8.56 -4.29 3.33
C THR A 96 -8.47 -5.26 2.15
N LYS A 97 -8.09 -6.49 2.43
CA LYS A 97 -7.77 -7.48 1.41
C LYS A 97 -8.08 -8.87 1.95
N ALA A 98 -8.26 -9.79 1.01
CA ALA A 98 -8.38 -11.23 1.25
C ALA A 98 -7.67 -11.93 0.11
N GLY A 99 -6.92 -12.97 0.42
CA GLY A 99 -6.24 -13.77 -0.62
C GLY A 99 -5.04 -14.54 -0.13
N TYR A 100 -4.46 -14.14 1.01
CA TYR A 100 -3.43 -14.88 1.73
C TYR A 100 -4.10 -15.63 2.88
N LYS A 101 -3.31 -16.35 3.65
CA LYS A 101 -3.87 -17.25 4.68
C LYS A 101 -4.38 -16.41 5.84
N MET A 102 -5.66 -16.58 6.16
CA MET A 102 -6.28 -15.87 7.29
C MET A 102 -6.70 -16.87 8.37
N TRP A 103 -7.38 -17.96 8.01
CA TRP A 103 -7.80 -18.96 9.02
C TRP A 103 -7.56 -20.34 8.44
N GLU A 104 -7.63 -21.36 9.27
CA GLU A 104 -7.26 -22.71 8.84
C GLU A 104 -8.33 -23.29 7.93
N GLY A 105 -7.94 -24.21 7.06
CA GLY A 105 -8.89 -25.01 6.27
C GLY A 105 -9.11 -24.44 4.88
N PRO A 106 -9.96 -25.11 4.07
CA PRO A 106 -10.10 -24.76 2.65
C PRO A 106 -10.79 -23.46 2.29
N TYR A 107 -11.37 -22.75 3.26
CA TYR A 107 -12.11 -21.49 3.02
C TYR A 107 -11.38 -20.32 3.67
N GLY A 108 -10.12 -20.47 4.11
CA GLY A 108 -9.45 -19.37 4.83
C GLY A 108 -8.19 -18.86 4.15
N ASP A 109 -8.07 -19.09 2.84
CA ASP A 109 -6.91 -18.68 2.01
C ASP A 109 -7.37 -18.69 0.55
N PHE A 110 -6.56 -18.10 -0.33
CA PHE A 110 -6.67 -18.23 -1.81
C PHE A 110 -7.90 -17.65 -2.56
N GLY A 111 -8.47 -16.55 -2.50
CA GLY A 111 -9.24 -16.63 -3.88
C GLY A 111 -10.71 -17.15 -4.13
N SER A 112 -11.27 -18.13 -3.44
CA SER A 112 -12.71 -18.49 -3.64
C SER A 112 -13.63 -17.35 -3.26
N ARG A 113 -14.84 -17.32 -3.84
CA ARG A 113 -15.92 -16.40 -3.44
C ARG A 113 -16.22 -16.61 -1.95
N LYS A 114 -16.29 -17.86 -1.49
CA LYS A 114 -16.56 -18.16 -0.05
C LYS A 114 -15.56 -17.42 0.84
N TYR A 115 -14.26 -17.57 0.60
CA TYR A 115 -13.24 -16.94 1.47
C TYR A 115 -13.33 -15.42 1.34
N ILE A 116 -13.35 -14.93 0.11
CA ILE A 116 -13.26 -13.47 -0.13
C ILE A 116 -14.44 -12.79 0.58
N LEU A 117 -15.67 -13.27 0.38
CA LEU A 117 -16.82 -12.59 0.96
C LEU A 117 -16.90 -12.84 2.47
N ALA A 118 -16.67 -14.05 2.95
CA ALA A 118 -16.65 -14.30 4.41
C ALA A 118 -15.60 -13.41 5.07
N SER A 119 -14.44 -13.28 4.47
CA SER A 119 -13.34 -12.45 5.02
C SER A 119 -13.75 -10.99 5.07
N LEU A 120 -14.36 -10.47 4.02
CA LEU A 120 -14.78 -9.05 4.03
C LEU A 120 -15.73 -8.79 5.19
N ASP A 121 -16.69 -9.66 5.43
CA ASP A 121 -17.62 -9.47 6.55
C ASP A 121 -16.84 -9.43 7.87
N GLN A 122 -15.89 -10.33 8.04
CA GLN A 122 -15.05 -10.34 9.28
C GLN A 122 -14.30 -9.01 9.39
N SER A 123 -13.69 -8.53 8.28
CA SER A 123 -12.91 -7.26 8.28
C SER A 123 -13.78 -6.08 8.68
N LEU A 124 -14.98 -6.00 8.14
CA LEU A 124 -15.88 -4.88 8.46
C LEU A 124 -16.27 -4.93 9.94
N LYS A 125 -16.44 -6.13 10.48
N LYS A 125 -16.46 -6.13 10.50
CA LYS A 125 -16.84 -6.30 11.90
CA LYS A 125 -16.86 -6.22 11.93
C LYS A 125 -15.67 -5.88 12.78
C LYS A 125 -15.66 -5.85 12.81
N ARG A 126 -14.46 -6.31 12.46
CA ARG A 126 -13.25 -5.97 13.27
C ARG A 126 -12.97 -4.45 13.21
N MET A 127 -13.18 -3.83 12.06
CA MET A 127 -12.89 -2.39 11.92
C MET A 127 -14.09 -1.52 12.32
N GLY A 128 -15.27 -2.10 12.52
CA GLY A 128 -16.48 -1.35 12.87
C GLY A 128 -16.92 -0.45 11.71
N LEU A 129 -16.75 -0.88 10.46
CA LEU A 129 -17.07 -0.05 9.28
C LEU A 129 -18.28 -0.62 8.55
N GLU A 130 -18.98 0.26 7.86
N GLU A 130 -18.99 0.24 7.85
CA GLU A 130 -20.07 -0.11 6.93
CA GLU A 130 -20.08 -0.16 6.92
C GLU A 130 -19.47 -0.57 5.61
C GLU A 130 -19.43 -0.62 5.60
N TYR A 131 -18.34 0.02 5.22
CA TYR A 131 -17.65 -0.33 3.99
C TYR A 131 -16.21 0.08 4.09
N VAL A 132 -15.39 -0.58 3.30
CA VAL A 132 -14.01 -0.12 3.07
C VAL A 132 -14.02 0.69 1.76
N ASP A 133 -13.06 1.56 1.61
CA ASP A 133 -12.96 2.38 0.36
C ASP A 133 -12.46 1.49 -0.77
N ILE A 134 -11.47 0.65 -0.47
CA ILE A 134 -10.84 -0.25 -1.47
C ILE A 134 -10.84 -1.64 -0.88
N PHE A 135 -11.32 -2.58 -1.65
CA PHE A 135 -11.23 -4.00 -1.25
C PHE A 135 -10.41 -4.74 -2.31
N TYR A 136 -9.35 -5.39 -1.86
CA TYR A 136 -8.40 -6.05 -2.77
C TYR A 136 -8.46 -7.57 -2.74
N HIS A 137 -8.30 -8.17 -3.90
CA HIS A 137 -7.84 -9.57 -4.01
C HIS A 137 -6.32 -9.46 -3.73
N HIS A 138 -5.86 -10.11 -2.65
CA HIS A 138 -4.52 -9.89 -2.08
C HIS A 138 -3.39 -10.48 -2.94
N ARG A 139 -3.65 -11.53 -3.71
CA ARG A 139 -2.64 -12.14 -4.58
C ARG A 139 -3.37 -12.98 -5.63
N MET A 140 -2.65 -13.34 -6.69
CA MET A 140 -3.25 -14.20 -7.72
C MET A 140 -3.49 -15.62 -7.16
N ASP A 141 -4.58 -16.23 -7.59
CA ASP A 141 -4.85 -17.65 -7.32
C ASP A 141 -5.06 -18.33 -8.65
N PRO A 142 -4.03 -18.94 -9.23
CA PRO A 142 -4.20 -19.59 -10.52
C PRO A 142 -5.06 -20.85 -10.44
N ASP A 143 -5.41 -21.31 -9.23
CA ASP A 143 -6.24 -22.54 -9.03
C ASP A 143 -7.73 -22.18 -8.90
N THR A 144 -8.09 -20.90 -8.82
CA THR A 144 -9.50 -20.44 -8.83
C THR A 144 -9.70 -19.68 -10.13
N PRO A 145 -10.80 -19.86 -10.87
CA PRO A 145 -11.03 -19.07 -12.07
C PRO A 145 -11.00 -17.59 -11.68
N LEU A 146 -10.29 -16.80 -12.48
CA LEU A 146 -10.19 -15.36 -12.21
C LEU A 146 -11.60 -14.76 -12.15
N GLU A 147 -12.50 -15.24 -12.98
N GLU A 147 -12.53 -15.17 -13.01
CA GLU A 147 -13.91 -14.78 -13.02
CA GLU A 147 -13.93 -14.65 -12.93
C GLU A 147 -14.58 -14.92 -11.65
C GLU A 147 -14.44 -14.79 -11.49
N GLU A 148 -14.25 -15.97 -10.88
CA GLU A 148 -14.83 -16.20 -9.52
C GLU A 148 -14.29 -15.17 -8.56
N SER A 149 -12.98 -14.95 -8.51
CA SER A 149 -12.36 -13.99 -7.58
C SER A 149 -12.82 -12.56 -7.90
N MET A 150 -12.90 -12.23 -9.18
CA MET A 150 -13.29 -10.86 -9.60
C MET A 150 -14.79 -10.66 -9.34
N MET A 151 -15.61 -11.67 -9.56
CA MET A 151 -17.07 -11.54 -9.26
C MET A 151 -17.27 -11.37 -7.76
N ALA A 152 -16.39 -11.92 -6.92
CA ALA A 152 -16.44 -11.73 -5.46
C ALA A 152 -16.17 -10.26 -5.14
N LEU A 153 -15.15 -9.63 -5.77
CA LEU A 153 -14.89 -8.19 -5.55
C LEU A 153 -16.13 -7.41 -6.00
N ASP A 154 -16.69 -7.78 -7.14
CA ASP A 154 -17.88 -7.09 -7.68
C ASP A 154 -19.06 -7.21 -6.68
N THR A 155 -19.27 -8.38 -6.10
CA THR A 155 -20.33 -8.57 -5.10
C THR A 155 -20.06 -7.64 -3.91
N ALA A 156 -18.82 -7.52 -3.46
CA ALA A 156 -18.44 -6.60 -2.36
C ALA A 156 -18.85 -5.17 -2.70
N VAL A 157 -18.53 -4.68 -3.90
CA VAL A 157 -18.88 -3.31 -4.30
C VAL A 157 -20.39 -3.18 -4.46
N LYS A 158 -21.05 -4.10 -5.17
CA LYS A 158 -22.50 -3.97 -5.45
C LYS A 158 -23.34 -4.16 -4.18
N SER A 159 -22.79 -4.82 -3.16
N SER A 159 -22.80 -4.80 -3.15
CA SER A 159 -23.44 -5.04 -1.84
CA SER A 159 -23.49 -5.00 -1.85
C SER A 159 -23.15 -3.85 -0.90
C SER A 159 -23.32 -3.75 -0.98
N GLY A 160 -22.47 -2.82 -1.39
CA GLY A 160 -22.23 -1.59 -0.61
C GLY A 160 -21.21 -1.78 0.50
N LYS A 161 -20.41 -2.83 0.40
CA LYS A 161 -19.37 -3.14 1.42
C LYS A 161 -17.99 -2.62 1.00
N ALA A 162 -17.84 -2.16 -0.25
CA ALA A 162 -16.58 -1.60 -0.78
C ALA A 162 -16.93 -0.53 -1.80
N LEU A 163 -16.23 0.59 -1.82
CA LEU A 163 -16.50 1.61 -2.86
C LEU A 163 -15.83 1.22 -4.17
N TYR A 164 -14.61 0.73 -4.07
CA TYR A 164 -13.79 0.38 -5.23
C TYR A 164 -13.10 -0.96 -5.04
N ALA A 165 -12.87 -1.67 -6.14
CA ALA A 165 -12.04 -2.90 -6.13
C ALA A 165 -10.59 -2.55 -6.45
N GLY A 166 -9.70 -3.33 -5.88
CA GLY A 166 -8.27 -3.31 -6.20
C GLY A 166 -7.77 -4.73 -6.32
N ILE A 167 -6.57 -4.91 -6.88
CA ILE A 167 -5.90 -6.22 -6.90
C ILE A 167 -4.45 -5.99 -6.46
N SER A 168 -3.84 -7.02 -5.90
CA SER A 168 -2.49 -6.90 -5.35
C SER A 168 -1.63 -8.06 -5.81
N ASN A 169 -0.35 -7.77 -6.10
CA ASN A 169 0.61 -8.81 -6.47
C ASN A 169 0.27 -9.43 -7.83
N TYR A 170 -0.54 -8.78 -8.67
CA TYR A 170 -0.82 -9.31 -10.01
C TYR A 170 0.31 -8.95 -10.97
N ASN A 171 0.54 -9.82 -11.96
CA ASN A 171 1.45 -9.47 -13.08
C ASN A 171 0.65 -8.69 -14.14
N GLY A 172 1.30 -8.21 -15.19
CA GLY A 172 0.64 -7.41 -16.24
C GLY A 172 -0.40 -8.21 -17.00
N GLU A 173 -0.07 -9.42 -17.42
CA GLU A 173 -1.03 -10.24 -18.22
C GLU A 173 -2.31 -10.49 -17.41
N THR A 174 -2.16 -10.88 -16.16
CA THR A 174 -3.33 -11.21 -15.33
C THR A 174 -4.09 -9.94 -14.94
N MET A 175 -3.40 -8.84 -14.71
CA MET A 175 -4.06 -7.54 -14.44
C MET A 175 -4.97 -7.21 -15.62
N GLU A 176 -4.50 -7.39 -16.85
CA GLU A 176 -5.29 -7.10 -18.08
C GLU A 176 -6.58 -7.93 -18.07
N LYS A 177 -6.45 -9.21 -17.75
CA LYS A 177 -7.63 -10.11 -17.72
C LYS A 177 -8.60 -9.64 -16.63
N ALA A 178 -8.10 -9.28 -15.46
CA ALA A 178 -8.92 -8.82 -14.33
C ALA A 178 -9.65 -7.53 -14.75
N ALA A 179 -8.92 -6.62 -15.39
CA ALA A 179 -9.51 -5.34 -15.83
C ALA A 179 -10.66 -5.63 -16.80
N ALA A 180 -10.48 -6.60 -17.71
CA ALA A 180 -11.52 -6.93 -18.70
C ALA A 180 -12.77 -7.48 -17.98
N ILE A 181 -12.57 -8.33 -16.99
CA ILE A 181 -13.71 -8.94 -16.26
C ILE A 181 -14.42 -7.87 -15.47
N LEU A 182 -13.68 -7.03 -14.73
CA LEU A 182 -14.33 -6.00 -13.87
C LEU A 182 -15.02 -4.95 -14.75
N ASN A 183 -14.49 -4.68 -15.94
N ASN A 183 -14.52 -4.71 -15.96
CA ASN A 183 -15.17 -3.79 -16.93
CA ASN A 183 -15.20 -3.82 -16.93
C ASN A 183 -16.52 -4.40 -17.33
C ASN A 183 -16.51 -4.50 -17.39
N GLU A 184 -16.56 -5.69 -17.69
N GLU A 184 -16.49 -5.81 -17.66
CA GLU A 184 -17.80 -6.39 -18.12
CA GLU A 184 -17.69 -6.61 -18.04
C GLU A 184 -18.78 -6.45 -16.94
C GLU A 184 -18.76 -6.45 -16.94
N LEU A 185 -18.31 -6.53 -15.69
CA LEU A 185 -19.20 -6.52 -14.51
C LEU A 185 -19.56 -5.09 -14.12
N LYS A 186 -18.95 -4.07 -14.76
CA LYS A 186 -19.19 -2.63 -14.45
C LYS A 186 -18.90 -2.40 -12.98
N CYS A 187 -17.72 -2.88 -12.56
CA CYS A 187 -17.23 -2.75 -11.19
C CYS A 187 -16.05 -1.79 -11.17
N PRO A 188 -16.15 -0.67 -10.43
CA PRO A 188 -15.00 0.23 -10.29
C PRO A 188 -13.76 -0.53 -9.83
N PHE A 189 -12.69 -0.39 -10.59
CA PHE A 189 -11.42 -1.10 -10.36
C PHE A 189 -10.35 -0.04 -10.65
N VAL A 190 -9.63 0.41 -9.65
CA VAL A 190 -8.79 1.61 -9.90
C VAL A 190 -7.36 1.42 -9.46
N ILE A 191 -7.02 0.34 -8.78
CA ILE A 191 -5.70 0.32 -8.09
C ILE A 191 -5.07 -1.07 -8.06
N ASN A 192 -3.77 -1.11 -8.34
CA ASN A 192 -2.91 -2.29 -8.14
C ASN A 192 -1.97 -1.98 -6.97
N GLN A 193 -1.77 -2.94 -6.09
CA GLN A 193 -0.81 -2.82 -4.98
C GLN A 193 0.28 -3.85 -5.22
N ASN A 194 1.52 -3.40 -5.41
CA ASN A 194 2.65 -4.27 -5.78
C ASN A 194 3.93 -3.85 -5.06
N ARG A 195 4.78 -4.82 -4.80
CA ARG A 195 6.11 -4.57 -4.18
C ARG A 195 6.96 -3.87 -5.24
N TYR A 196 7.62 -2.79 -4.86
CA TYR A 196 8.50 -2.02 -5.78
C TYR A 196 9.52 -1.25 -4.99
N SER A 197 10.79 -1.39 -5.33
CA SER A 197 11.89 -0.64 -4.69
C SER A 197 13.04 -0.54 -5.68
N ILE A 198 14.03 0.25 -5.32
CA ILE A 198 15.30 0.26 -6.09
C ILE A 198 15.84 -1.17 -6.25
N PHE A 199 15.66 -2.05 -5.24
CA PHE A 199 16.17 -3.45 -5.25
C PHE A 199 15.16 -4.47 -5.77
N ASP A 200 13.92 -4.08 -6.04
CA ASP A 200 12.91 -5.04 -6.56
C ASP A 200 12.21 -4.41 -7.77
N ARG A 201 12.63 -4.82 -8.96
CA ARG A 201 12.12 -4.28 -10.24
C ARG A 201 11.07 -5.19 -10.84
N THR A 202 10.48 -6.11 -10.06
CA THR A 202 9.52 -7.09 -10.58
C THR A 202 8.47 -6.41 -11.48
N ILE A 203 7.88 -5.31 -11.07
CA ILE A 203 6.75 -4.69 -11.84
C ILE A 203 7.29 -4.05 -13.14
N GLU A 204 8.59 -3.86 -13.28
CA GLU A 204 9.21 -3.31 -14.52
C GLU A 204 9.37 -4.46 -15.52
N ASN A 205 9.37 -5.71 -15.05
CA ASN A 205 9.73 -6.92 -15.85
C ASN A 205 8.56 -7.91 -16.04
N ASN A 206 7.51 -7.83 -15.24
CA ASN A 206 6.36 -8.78 -15.36
C ASN A 206 5.15 -8.09 -16.03
N GLY A 207 5.36 -6.90 -16.60
CA GLY A 207 4.34 -6.16 -17.35
C GLY A 207 3.39 -5.34 -16.50
N LEU A 208 3.46 -5.40 -15.17
CA LEU A 208 2.44 -4.74 -14.32
C LEU A 208 2.53 -3.22 -14.47
N LYS A 209 3.72 -2.65 -14.34
CA LYS A 209 3.82 -1.17 -14.38
C LYS A 209 3.30 -0.62 -15.71
N ARG A 210 3.67 -1.25 -16.82
CA ARG A 210 3.22 -0.83 -18.17
C ARG A 210 1.72 -1.11 -18.35
N ALA A 211 1.20 -2.27 -17.95
CA ALA A 211 -0.23 -2.62 -18.12
C ALA A 211 -1.07 -1.64 -17.31
N ALA A 212 -0.67 -1.30 -16.09
CA ALA A 212 -1.44 -0.38 -15.22
C ALA A 212 -1.54 0.96 -15.94
N LYS A 213 -0.41 1.50 -16.40
CA LYS A 213 -0.39 2.78 -17.11
C LYS A 213 -1.29 2.68 -18.37
N GLU A 214 -1.12 1.66 -19.20
CA GLU A 214 -1.86 1.55 -20.49
C GLU A 214 -3.36 1.38 -20.22
N ASN A 215 -3.78 0.87 -19.07
CA ASN A 215 -5.22 0.59 -18.78
C ASN A 215 -5.81 1.62 -17.80
N GLY A 216 -5.06 2.67 -17.49
CA GLY A 216 -5.47 3.74 -16.59
C GLY A 216 -5.75 3.30 -15.17
N LYS A 217 -5.00 2.32 -14.66
CA LYS A 217 -5.09 1.86 -13.26
C LYS A 217 -3.95 2.43 -12.45
N GLY A 218 -4.25 2.80 -11.22
CA GLY A 218 -3.22 3.28 -10.29
C GLY A 218 -2.31 2.16 -9.84
N ILE A 219 -1.18 2.55 -9.27
CA ILE A 219 -0.26 1.62 -8.60
C ILE A 219 0.08 2.20 -7.25
N ILE A 220 0.04 1.37 -6.22
CA ILE A 220 0.54 1.80 -4.89
C ILE A 220 1.65 0.80 -4.58
N ALA A 221 2.85 1.31 -4.41
CA ALA A 221 4.07 0.50 -4.26
C ALA A 221 4.29 0.19 -2.79
N PHE A 222 4.52 -1.08 -2.46
CA PHE A 222 4.87 -1.38 -1.06
C PHE A 222 6.28 -1.92 -0.95
N SER A 223 6.76 -1.97 0.30
N SER A 223 6.75 -1.95 0.31
CA SER A 223 8.14 -2.37 0.67
CA SER A 223 8.11 -2.32 0.73
C SER A 223 9.16 -1.55 -0.10
C SER A 223 9.15 -1.55 -0.09
N PRO A 224 8.98 -0.21 -0.21
CA PRO A 224 9.96 0.63 -0.92
C PRO A 224 11.36 0.68 -0.28
N LEU A 225 11.49 0.30 1.01
CA LEU A 225 12.79 0.34 1.72
C LEU A 225 13.44 -1.03 1.73
N ALA A 226 12.90 -1.99 0.99
CA ALA A 226 13.54 -3.31 0.75
C ALA A 226 14.09 -3.91 2.06
N GLN A 227 13.20 -4.18 3.03
CA GLN A 227 13.49 -4.80 4.36
C GLN A 227 14.63 -4.07 5.09
N GLY A 228 14.61 -2.73 5.11
CA GLY A 228 15.61 -1.92 5.82
C GLY A 228 16.92 -1.76 5.04
N THR A 229 17.09 -2.44 3.90
CA THR A 229 18.35 -2.32 3.10
C THR A 229 18.43 -0.92 2.48
N LEU A 230 17.31 -0.24 2.25
CA LEU A 230 17.34 1.16 1.71
C LEU A 230 17.09 2.16 2.85
N THR A 231 17.83 2.00 3.96
CA THR A 231 17.81 2.90 5.15
C THR A 231 19.25 3.05 5.67
N ASP A 232 19.42 3.72 6.81
CA ASP A 232 20.70 3.90 7.53
C ASP A 232 21.11 2.62 8.26
N LYS A 233 20.15 1.73 8.51
CA LYS A 233 20.29 0.50 9.33
C LYS A 233 21.63 -0.20 9.13
N TYR A 234 22.02 -0.52 7.88
CA TYR A 234 23.24 -1.30 7.55
C TYR A 234 24.44 -0.41 7.20
N LEU A 235 24.38 0.90 7.47
CA LEU A 235 25.48 1.85 7.17
C LEU A 235 26.39 2.02 8.39
N SER A 236 27.69 2.20 8.14
CA SER A 236 28.71 2.57 9.15
C SER A 236 28.98 4.08 8.97
N GLY A 237 29.88 4.65 9.77
CA GLY A 237 30.27 6.07 9.70
C GLY A 237 31.75 6.19 9.96
N ILE A 238 32.57 5.60 9.08
CA ILE A 238 34.06 5.54 9.19
C ILE A 238 34.71 6.32 8.04
N LEU A 256 23.37 -9.50 4.54
CA LEU A 256 24.36 -8.39 4.70
C LEU A 256 25.71 -8.78 4.06
N THR A 257 25.73 -9.08 2.76
CA THR A 257 26.98 -9.42 2.00
C THR A 257 27.81 -8.15 1.82
N GLU A 258 29.11 -8.32 1.54
CA GLU A 258 30.04 -7.19 1.28
C GLU A 258 29.51 -6.46 0.03
N LYS A 259 29.03 -7.22 -0.96
CA LYS A 259 28.50 -6.71 -2.26
C LYS A 259 27.23 -5.86 -2.04
N LYS A 260 26.32 -6.31 -1.18
CA LYS A 260 25.06 -5.61 -0.83
C LYS A 260 25.39 -4.31 -0.08
N LEU A 261 26.27 -4.38 0.93
CA LEU A 261 26.67 -3.20 1.75
C LEU A 261 27.29 -2.11 0.85
N GLU A 262 28.02 -2.55 -0.22
CA GLU A 262 28.65 -1.67 -1.23
C GLU A 262 27.57 -0.96 -2.05
N GLN A 263 26.54 -1.70 -2.50
CA GLN A 263 25.41 -1.13 -3.25
C GLN A 263 24.73 -0.02 -2.40
N ILE A 264 24.58 -0.32 -1.10
CA ILE A 264 23.90 0.56 -0.11
C ILE A 264 24.76 1.79 0.13
N ARG A 265 26.09 1.60 0.22
CA ARG A 265 27.02 2.73 0.46
C ARG A 265 26.92 3.73 -0.73
N ARG A 266 26.98 3.18 -1.96
CA ARG A 266 26.97 4.01 -3.21
C ARG A 266 25.60 4.67 -3.39
N LEU A 267 24.50 4.01 -3.06
CA LEU A 267 23.14 4.62 -3.22
C LEU A 267 22.99 5.78 -2.20
N ASN A 268 23.55 5.52 -0.99
CA ASN A 268 23.45 6.52 0.10
C ASN A 268 24.26 7.78 -0.30
N ASN A 269 25.34 7.60 -1.07
CA ASN A 269 26.14 8.76 -1.57
C ASN A 269 25.28 9.58 -2.54
N ILE A 270 24.51 8.91 -3.40
CA ILE A 270 23.60 9.62 -4.35
C ILE A 270 22.54 10.39 -3.52
N ALA A 271 22.04 9.76 -2.45
CA ALA A 271 21.03 10.38 -1.57
C ALA A 271 21.64 11.61 -0.89
N LEU A 272 22.84 11.51 -0.30
CA LEU A 272 23.46 12.65 0.43
C LEU A 272 23.58 13.89 -0.52
N ASN A 273 23.94 13.60 -1.81
CA ASN A 273 24.20 14.67 -2.82
C ASN A 273 22.88 15.39 -3.15
N ARG A 274 21.75 14.72 -2.95
CA ARG A 274 20.38 15.23 -3.14
C ARG A 274 19.84 15.90 -1.86
N GLY A 275 20.57 15.87 -0.74
CA GLY A 275 20.09 16.42 0.53
C GLY A 275 19.06 15.50 1.16
N GLN A 276 19.10 14.20 0.85
CA GLN A 276 18.15 13.21 1.37
C GLN A 276 18.88 12.08 2.12
N THR A 277 18.18 11.42 3.05
CA THR A 277 18.63 10.12 3.59
C THR A 277 18.41 9.09 2.48
N LEU A 278 19.04 7.92 2.59
CA LEU A 278 18.83 6.81 1.64
C LEU A 278 17.34 6.44 1.63
N ALA A 279 16.70 6.30 2.79
CA ALA A 279 15.26 5.98 2.89
C ALA A 279 14.46 7.00 2.10
N GLN A 280 14.76 8.29 2.30
CA GLN A 280 14.02 9.36 1.59
C GLN A 280 14.21 9.23 0.08
N MET A 281 15.43 8.94 -0.38
CA MET A 281 15.65 8.83 -1.84
C MET A 281 14.91 7.59 -2.37
N ALA A 282 14.90 6.51 -1.59
CA ALA A 282 14.24 5.26 -1.99
C ALA A 282 12.74 5.53 -2.19
N LEU A 283 12.13 6.36 -1.32
CA LEU A 283 10.69 6.70 -1.43
C LEU A 283 10.48 7.59 -2.66
N SER A 284 11.34 8.59 -2.85
CA SER A 284 11.27 9.51 -4.02
C SER A 284 11.42 8.70 -5.31
N TRP A 285 12.31 7.71 -5.34
CA TRP A 285 12.57 6.94 -6.58
C TRP A 285 11.32 6.17 -6.98
N VAL A 286 10.66 5.51 -6.05
CA VAL A 286 9.45 4.72 -6.38
C VAL A 286 8.38 5.63 -7.01
N LEU A 287 8.33 6.89 -6.65
CA LEU A 287 7.33 7.88 -7.15
C LEU A 287 7.79 8.62 -8.41
N LYS A 288 8.95 8.32 -8.95
CA LYS A 288 9.51 9.19 -10.02
C LYS A 288 8.60 9.21 -11.25
N ASP A 289 8.02 8.08 -11.59
CA ASP A 289 7.16 7.88 -12.78
C ASP A 289 5.69 8.12 -12.41
N SER A 290 4.97 8.85 -13.24
CA SER A 290 3.55 9.23 -12.95
C SER A 290 2.66 8.01 -12.77
N GLU A 291 2.96 6.86 -13.38
CA GLU A 291 2.05 5.70 -13.27
C GLU A 291 2.11 5.11 -11.85
N VAL A 292 3.07 5.49 -11.02
CA VAL A 292 3.05 5.03 -9.60
C VAL A 292 2.31 6.12 -8.84
N THR A 293 1.16 5.77 -8.31
CA THR A 293 0.26 6.75 -7.67
C THR A 293 0.77 7.15 -6.28
N SER A 294 1.20 6.17 -5.51
CA SER A 294 1.51 6.36 -4.08
C SER A 294 2.55 5.32 -3.64
N VAL A 295 3.28 5.69 -2.62
CA VAL A 295 4.20 4.71 -1.98
C VAL A 295 3.65 4.44 -0.57
N LEU A 296 3.59 3.17 -0.25
CA LEU A 296 3.05 2.71 1.03
C LEU A 296 4.18 2.48 2.00
N ILE A 297 4.23 3.29 3.08
CA ILE A 297 5.27 3.20 4.15
C ILE A 297 4.70 2.53 5.41
N GLY A 298 5.61 2.09 6.26
CA GLY A 298 5.32 1.63 7.62
C GLY A 298 6.10 2.50 8.55
N ALA A 299 5.82 2.43 9.84
CA ALA A 299 6.58 3.15 10.87
C ALA A 299 6.38 2.48 12.23
N SER A 300 7.40 2.52 13.08
CA SER A 300 7.32 2.11 14.51
C SER A 300 7.23 3.37 15.37
N LYS A 301 7.64 4.52 14.84
CA LYS A 301 7.65 5.76 15.66
C LYS A 301 7.29 6.95 14.75
N PRO A 302 6.60 7.96 15.33
CA PRO A 302 6.13 9.14 14.59
C PRO A 302 7.22 9.87 13.80
N SER A 303 8.44 9.93 14.31
CA SER A 303 9.55 10.64 13.64
C SER A 303 9.76 10.07 12.24
N GLN A 304 9.50 8.77 12.02
CA GLN A 304 9.71 8.16 10.68
C GLN A 304 8.68 8.70 9.70
N ILE A 305 7.44 8.91 10.14
CA ILE A 305 6.42 9.52 9.25
C ILE A 305 6.89 10.93 8.89
N ILE A 306 7.21 11.72 9.88
CA ILE A 306 7.58 13.15 9.70
C ILE A 306 8.78 13.25 8.75
N GLU A 307 9.81 12.42 8.88
CA GLU A 307 10.96 12.44 7.91
C GLU A 307 10.46 12.04 6.52
N ASN A 308 9.62 11.05 6.43
CA ASN A 308 9.30 10.46 5.11
C ASN A 308 8.40 11.39 4.29
N VAL A 309 7.59 12.25 4.91
CA VAL A 309 6.58 12.99 4.11
C VAL A 309 7.25 14.12 3.31
N GLY A 310 8.48 14.51 3.62
CA GLY A 310 9.19 15.51 2.79
C GLY A 310 9.51 14.97 1.38
N ILE A 311 9.60 13.67 1.21
CA ILE A 311 10.12 13.00 -0.03
C ILE A 311 9.22 13.32 -1.22
N VAL A 312 7.91 13.46 -1.00
CA VAL A 312 6.91 13.79 -2.06
C VAL A 312 7.32 15.09 -2.78
N HIS A 313 8.27 15.86 -2.23
CA HIS A 313 8.72 17.16 -2.83
C HIS A 313 10.06 17.03 -3.55
N LYS A 314 10.62 15.82 -3.70
CA LYS A 314 11.90 15.57 -4.38
C LYS A 314 11.80 14.27 -5.20
N ILE A 315 10.76 14.13 -6.02
CA ILE A 315 10.53 12.87 -6.80
C ILE A 315 11.22 12.99 -8.17
N GLY A 316 11.83 14.14 -8.44
CA GLY A 316 12.61 14.37 -9.67
C GLY A 316 14.05 13.89 -9.56
N PHE A 317 14.55 13.27 -10.62
CA PHE A 317 15.90 12.71 -10.70
C PHE A 317 16.51 13.10 -12.04
N THR A 318 17.80 13.38 -12.05
CA THR A 318 18.57 13.64 -13.29
C THR A 318 18.72 12.28 -14.01
N ASP A 319 18.96 12.33 -15.35
CA ASP A 319 19.23 11.09 -16.13
C ASP A 319 20.50 10.44 -15.54
N GLU A 320 21.40 11.25 -14.99
CA GLU A 320 22.67 10.73 -14.40
C GLU A 320 22.36 9.93 -13.08
N GLU A 321 21.49 10.54 -12.21
CA GLU A 321 21.18 9.86 -10.93
C GLU A 321 20.57 8.52 -11.26
N LEU A 322 19.61 8.50 -12.21
CA LEU A 322 18.86 7.30 -12.59
C LEU A 322 19.77 6.23 -13.17
N MET A 323 20.67 6.57 -14.12
CA MET A 323 21.53 5.51 -14.71
C MET A 323 22.49 4.98 -13.65
N MET A 324 22.86 5.83 -12.64
CA MET A 324 23.77 5.37 -11.57
C MET A 324 23.02 4.42 -10.64
N ILE A 325 21.78 4.78 -10.29
CA ILE A 325 20.95 3.96 -9.37
C ILE A 325 20.69 2.58 -10.02
N ASP A 326 20.41 2.60 -11.33
CA ASP A 326 20.21 1.34 -12.09
C ASP A 326 21.51 0.53 -12.15
N GLU A 327 22.62 1.14 -12.47
CA GLU A 327 23.86 0.34 -12.62
C GLU A 327 24.23 -0.26 -11.23
N ILE A 328 23.98 0.51 -10.15
CA ILE A 328 24.38 0.14 -8.76
C ILE A 328 23.45 -0.97 -8.24
N SER A 329 22.15 -0.86 -8.52
N SER A 329 22.15 -0.86 -8.51
CA SER A 329 21.08 -1.80 -8.08
CA SER A 329 21.09 -1.80 -8.04
C SER A 329 21.10 -3.09 -8.90
C SER A 329 21.02 -3.04 -8.94
N ALA A 330 21.70 -3.06 -10.09
CA ALA A 330 21.78 -4.22 -11.00
C ALA A 330 22.57 -5.33 -10.29
N ASN A 331 22.00 -6.54 -10.21
CA ASN A 331 22.68 -7.73 -9.61
C ASN A 331 23.99 -7.99 -10.38
PA NDP B . 8.71 0.10 4.13
O1A NDP B . 9.51 -0.57 3.08
O2A NDP B . 8.32 1.55 4.12
O5B NDP B . 9.31 -0.26 5.58
C5B NDP B . 8.70 0.31 6.77
C4B NDP B . 9.65 0.18 7.93
O4B NDP B . 10.90 0.81 7.57
C3B NDP B . 9.23 0.84 9.25
O3B NDP B . 8.44 0.00 10.09
C2B NDP B . 10.59 1.13 9.88
O2B NDP B . 11.06 -0.09 10.44
C1B NDP B . 11.42 1.52 8.67
N9A NDP B . 11.41 2.94 8.31
C8A NDP B . 10.34 3.66 7.84
N7A NDP B . 10.65 4.90 7.55
C5A NDP B . 12.00 5.00 7.84
C6A NDP B . 12.91 6.07 7.75
N6A NDP B . 12.59 7.28 7.31
N1A NDP B . 14.21 5.82 8.12
C2A NDP B . 14.52 4.60 8.55
N3A NDP B . 13.75 3.52 8.68
C4A NDP B . 12.48 3.79 8.30
O3 NDP B . 7.26 -0.64 4.20
PN NDP B . 6.74 -2.06 4.70
O1N NDP B . 6.50 -1.95 6.17
O2N NDP B . 7.57 -3.18 4.16
O5D NDP B . 5.32 -2.11 3.94
C5D NDP B . 4.48 -0.92 3.99
C4D NDP B . 3.04 -1.32 3.81
O4D NDP B . 2.88 -1.94 2.53
C3D NDP B . 2.49 -2.36 4.78
O3D NDP B . 2.19 -1.76 6.04
C2D NDP B . 1.26 -2.83 3.99
O2D NDP B . 0.21 -1.90 4.15
C1D NDP B . 1.78 -2.83 2.56
N1N NDP B . 2.23 -4.18 2.13
C2N NDP B . 1.51 -4.88 1.19
C3N NDP B . 1.70 -6.21 0.95
C7N NDP B . 0.86 -6.90 -0.09
O7N NDP B . -0.08 -6.30 -0.65
N7N NDP B . 1.15 -8.17 -0.35
C4N NDP B . 2.77 -6.90 1.75
C5N NDP B . 3.62 -6.02 2.58
C6N NDP B . 3.37 -4.74 2.67
P2B NDP B . 12.00 0.01 11.74
O1X NDP B . 11.72 1.25 12.59
O2X NDP B . 11.70 -1.27 12.51
O3X NDP B . 13.39 0.02 11.14
C1 EDO C . -7.31 -27.46 3.60
O1 EDO C . -6.62 -26.92 4.70
C2 EDO C . -6.94 -26.84 2.31
O2 EDO C . -7.50 -27.48 1.15
C1 EDO D . 0.51 -17.21 -9.05
O1 EDO D . 1.14 -16.23 -8.25
C2 EDO D . 0.78 -17.03 -10.50
O2 EDO D . -0.39 -17.02 -11.31
C1 EDO E . -3.59 -2.88 22.16
O1 EDO E . -4.92 -2.49 21.88
C2 EDO E . -3.33 -4.31 21.87
O2 EDO E . -2.56 -4.54 20.69
C1 EDO F . 2.81 -6.25 15.45
O1 EDO F . 2.70 -5.36 16.49
C2 EDO F . 4.02 -6.05 14.64
O2 EDO F . 3.80 -6.44 13.32
C1 EDO G . -18.50 4.10 10.13
O1 EDO G . -18.71 3.37 8.92
C2 EDO G . -17.18 4.75 10.22
O2 EDO G . -16.63 4.77 11.53
C1 EDO H . 6.55 -4.71 -20.08
O1 EDO H . 5.35 -5.08 -20.76
C2 EDO H . 7.19 -5.86 -19.40
O2 EDO H . 7.60 -5.57 -18.07
C1 EDO I . -25.73 -0.68 -5.86
O1 EDO I . -24.38 -1.10 -5.74
C2 EDO I . -26.70 -1.75 -6.25
O2 EDO I . -26.35 -3.06 -5.83
C1 EDO J . -21.64 -11.99 2.81
O1 EDO J . -22.52 -11.24 3.64
C2 EDO J . -22.14 -12.19 1.44
O2 EDO J . -23.07 -13.26 1.34
#